data_2ZOM
#
_entry.id   2ZOM
#
_cell.length_a   127.214
_cell.length_b   127.214
_cell.length_c   121.868
_cell.angle_alpha   90.00
_cell.angle_beta   90.00
_cell.angle_gamma   90.00
#
_symmetry.space_group_name_H-M   'I 41 2 2'
#
loop_
_entity.id
_entity.type
_entity.pdbx_description
1 polymer 'Protein CutA, chloroplast, putative, expressed'
2 non-polymer GLYCEROL
3 non-polymer 'SULFATE ION'
4 water water
#
_entity_poly.entity_id   1
_entity_poly.type   'polypeptide(L)'
_entity_poly.pdbx_seq_one_letter_code
;MESTSTTVPSIVVYVTVPNKEAGKRLAGSIISEKLAACVNIVPGIESVYWWEGKVQTDAEELLIIKTRESLLDALTEHVK
ANHEYDVPEVIALPIKGGNLKYLEWLKNSTRES
;
_entity_poly.pdbx_strand_id   A,B,C
#
# COMPACT_ATOMS: atom_id res chain seq x y z
N SER A 5 -12.63 18.21 -11.62
CA SER A 5 -13.84 18.92 -11.06
C SER A 5 -15.18 18.11 -11.17
N THR A 6 -15.11 16.92 -11.79
CA THR A 6 -15.93 15.74 -11.37
C THR A 6 -15.24 14.82 -10.24
N THR A 7 -14.18 15.39 -9.65
CA THR A 7 -13.07 14.72 -9.02
C THR A 7 -12.50 15.69 -7.97
N VAL A 8 -12.26 15.19 -6.78
CA VAL A 8 -11.92 15.98 -5.62
C VAL A 8 -10.63 15.31 -5.18
N PRO A 9 -9.68 16.06 -4.54
CA PRO A 9 -8.47 15.40 -3.98
C PRO A 9 -8.80 14.24 -3.02
N SER A 10 -8.12 13.13 -3.25
CA SER A 10 -8.43 11.86 -2.62
C SER A 10 -7.20 11.22 -1.92
N ILE A 11 -7.48 10.33 -0.99
CA ILE A 11 -6.41 9.66 -0.25
C ILE A 11 -6.64 8.16 -0.08
N VAL A 12 -5.56 7.45 0.14
CA VAL A 12 -5.61 6.11 0.63
C VAL A 12 -5.22 6.20 2.08
N VAL A 13 -6.07 5.67 2.93
CA VAL A 13 -5.80 5.66 4.36
C VAL A 13 -5.52 4.24 4.83
N TYR A 14 -4.49 4.08 5.66
CA TYR A 14 -4.12 2.80 6.23
C TYR A 14 -4.61 2.80 7.66
N VAL A 15 -5.31 1.73 8.04
CA VAL A 15 -5.64 1.47 9.46
C VAL A 15 -5.38 0.00 9.74
N THR A 16 -4.54 -0.32 10.71
CA THR A 16 -4.51 -1.71 11.19
C THR A 16 -5.60 -1.97 12.24
N VAL A 17 -6.05 -3.21 12.32
CA VAL A 17 -6.91 -3.62 13.41
C VAL A 17 -6.50 -4.99 13.95
N PRO A 18 -6.87 -5.29 15.20
CA PRO A 18 -6.25 -6.41 15.88
C PRO A 18 -6.90 -7.75 15.51
N ASN A 19 -8.12 -7.77 14.97
CA ASN A 19 -8.71 -9.05 14.56
C ASN A 19 -9.68 -9.04 13.35
N LYS A 20 -10.02 -10.23 12.89
CA LYS A 20 -10.82 -10.40 11.69
C LYS A 20 -12.22 -9.80 11.88
N GLU A 21 -12.79 -9.79 13.09
CA GLU A 21 -14.17 -9.28 13.26
C GLU A 21 -14.11 -7.78 13.21
N ALA A 22 -13.20 -7.26 14.01
CA ALA A 22 -12.91 -5.83 14.10
C ALA A 22 -12.91 -5.09 12.79
N GLY A 23 -12.03 -5.51 11.88
CA GLY A 23 -11.87 -4.80 10.62
C GLY A 23 -13.09 -4.95 9.72
N LYS A 24 -13.68 -6.13 9.76
CA LYS A 24 -14.91 -6.38 9.09
C LYS A 24 -15.97 -5.38 9.54
N ARG A 25 -16.00 -5.12 10.84
CA ARG A 25 -16.95 -4.15 11.40
C ARG A 25 -16.57 -2.72 11.17
N LEU A 26 -15.28 -2.40 11.29
CA LEU A 26 -14.81 -1.01 11.06
C LEU A 26 -15.18 -0.63 9.65
N ALA A 27 -14.96 -1.59 8.74
CA ALA A 27 -15.13 -1.37 7.35
C ALA A 27 -16.60 -1.12 7.14
N GLY A 28 -17.43 -1.97 7.75
CA GLY A 28 -18.90 -1.88 7.55
C GLY A 28 -19.40 -0.53 7.95
N SER A 29 -18.82 -0.05 9.03
CA SER A 29 -19.26 1.11 9.78
C SER A 29 -18.83 2.42 9.08
N ILE A 30 -17.54 2.43 8.73
CA ILE A 30 -16.97 3.39 7.80
C ILE A 30 -17.85 3.63 6.57
N ILE A 31 -18.04 2.57 5.78
CA ILE A 31 -18.74 2.65 4.49
C ILE A 31 -20.19 3.04 4.66
N SER A 32 -20.87 2.38 5.57
CA SER A 32 -22.22 2.76 5.96
C SER A 32 -22.37 4.26 6.21
N GLU A 33 -21.45 4.83 7.00
CA GLU A 33 -21.49 6.20 7.48
C GLU A 33 -21.02 7.17 6.38
N LYS A 34 -20.72 6.65 5.20
CA LYS A 34 -20.35 7.44 4.03
C LYS A 34 -19.07 8.20 4.21
N LEU A 35 -18.13 7.60 4.94
CA LEU A 35 -16.83 8.26 5.21
C LEU A 35 -15.74 7.75 4.25
N ALA A 36 -16.08 6.76 3.42
CA ALA A 36 -15.18 6.33 2.38
C ALA A 36 -15.92 5.60 1.32
N ALA A 37 -15.30 5.53 0.14
CA ALA A 37 -15.92 4.98 -1.04
C ALA A 37 -15.74 3.55 -0.98
N CYS A 38 -14.59 3.09 -0.47
CA CYS A 38 -14.42 1.67 -0.16
C CYS A 38 -13.20 1.24 0.67
N VAL A 39 -13.25 0.00 1.12
CA VAL A 39 -12.24 -0.50 2.03
C VAL A 39 -11.81 -1.87 1.58
N ASN A 40 -10.52 -2.03 1.33
CA ASN A 40 -9.98 -3.34 1.15
C ASN A 40 -9.43 -3.83 2.44
N ILE A 41 -9.79 -5.07 2.80
CA ILE A 41 -9.29 -5.71 4.00
C ILE A 41 -8.21 -6.72 3.66
N VAL A 42 -6.97 -6.42 4.00
CA VAL A 42 -5.86 -7.40 3.88
C VAL A 42 -5.67 -8.16 5.22
N PRO A 43 -5.97 -9.46 5.27
CA PRO A 43 -5.92 -10.25 6.52
C PRO A 43 -4.58 -10.95 6.85
N GLY A 44 -4.47 -11.60 7.99
CA GLY A 44 -3.21 -12.29 8.30
C GLY A 44 -1.92 -11.50 8.22
N ILE A 45 -1.94 -10.22 8.53
CA ILE A 45 -0.71 -9.45 8.51
C ILE A 45 -0.06 -9.47 9.92
N GLU A 46 1.26 -9.50 9.98
CA GLU A 46 2.01 -9.51 11.23
C GLU A 46 2.57 -8.10 11.44
N SER A 47 2.45 -7.52 12.63
CA SER A 47 2.98 -6.18 12.88
C SER A 47 4.06 -6.19 13.93
N VAL A 48 5.20 -5.62 13.60
CA VAL A 48 6.37 -5.58 14.46
C VAL A 48 6.71 -4.14 14.89
N TYR A 49 6.96 -3.91 16.16
CA TYR A 49 7.23 -2.55 16.63
C TYR A 49 7.84 -2.60 18.02
N TRP A 50 8.30 -1.47 18.51
CA TRP A 50 9.03 -1.45 19.75
C TRP A 50 8.11 -0.96 20.81
N TRP A 51 8.02 -1.72 21.88
CA TRP A 51 7.06 -1.43 22.90
C TRP A 51 7.45 -1.93 24.26
N GLU A 52 7.54 -1.04 25.23
CA GLU A 52 7.98 -1.37 26.57
C GLU A 52 9.30 -2.14 26.60
N GLY A 53 10.30 -1.57 25.95
CA GLY A 53 11.63 -2.04 26.06
C GLY A 53 11.92 -3.24 25.24
N LYS A 54 11.02 -3.65 24.35
CA LYS A 54 11.38 -4.65 23.38
C LYS A 54 10.55 -4.69 22.09
N VAL A 55 10.80 -5.73 21.29
CA VAL A 55 10.24 -5.87 19.97
C VAL A 55 9.04 -6.73 20.10
N GLN A 56 7.93 -6.04 20.16
CA GLN A 56 6.61 -6.61 20.11
C GLN A 56 6.23 -7.01 18.69
N THR A 57 5.39 -8.03 18.53
CA THR A 57 4.86 -8.47 17.23
C THR A 57 3.39 -8.93 17.43
N ASP A 58 2.44 -8.46 16.61
CA ASP A 58 1.01 -8.77 16.78
C ASP A 58 0.37 -9.20 15.49
N ALA A 59 -0.68 -10.01 15.64
CA ALA A 59 -1.45 -10.51 14.54
C ALA A 59 -2.52 -9.49 14.25
N GLU A 60 -2.64 -9.01 13.03
CA GLU A 60 -3.57 -7.94 12.74
C GLU A 60 -4.10 -8.07 11.32
N GLU A 61 -5.05 -7.23 10.98
CA GLU A 61 -5.25 -6.97 9.59
C GLU A 61 -5.23 -5.53 9.19
N LEU A 62 -5.09 -5.35 7.89
CA LEU A 62 -4.93 -4.06 7.32
C LEU A 62 -6.17 -3.72 6.56
N LEU A 63 -6.63 -2.51 6.82
CA LEU A 63 -7.71 -1.85 6.09
C LEU A 63 -7.05 -0.78 5.21
N ILE A 64 -7.19 -0.95 3.89
CA ILE A 64 -6.88 0.10 2.91
C ILE A 64 -8.16 0.80 2.52
N ILE A 65 -8.30 2.04 2.95
CA ILE A 65 -9.56 2.79 2.84
C ILE A 65 -9.42 3.90 1.80
N LYS A 66 -10.19 3.89 0.73
CA LYS A 66 -10.11 4.95 -0.31
C LYS A 66 -11.18 5.99 -0.02
N THR A 67 -10.79 7.21 0.30
CA THR A 67 -11.76 8.27 0.56
C THR A 67 -11.22 9.61 0.10
N ARG A 68 -11.91 10.69 0.47
CA ARG A 68 -11.57 12.02 0.08
C ARG A 68 -10.69 12.60 1.09
N GLU A 69 -9.73 13.42 0.66
CA GLU A 69 -8.94 14.26 1.59
C GLU A 69 -9.80 15.05 2.55
N SER A 70 -10.97 15.52 2.13
CA SER A 70 -11.82 16.34 3.00
C SER A 70 -12.23 15.53 4.23
N LEU A 71 -12.35 14.23 4.03
CA LEU A 71 -12.98 13.43 5.06
C LEU A 71 -12.01 12.79 6.02
N LEU A 72 -10.71 13.05 5.85
CA LEU A 72 -9.72 12.51 6.79
C LEU A 72 -9.94 12.80 8.26
N ASP A 73 -10.41 14.00 8.62
CA ASP A 73 -10.63 14.23 10.05
C ASP A 73 -11.84 13.42 10.51
N ALA A 74 -12.95 13.47 9.77
CA ALA A 74 -14.13 12.65 10.14
C ALA A 74 -13.82 11.13 10.23
N LEU A 75 -13.04 10.65 9.28
CA LEU A 75 -12.68 9.27 9.27
C LEU A 75 -11.79 8.97 10.45
N THR A 76 -10.85 9.87 10.78
CA THR A 76 -9.97 9.62 11.93
C THR A 76 -10.70 9.68 13.25
N GLU A 77 -11.72 10.54 13.34
CA GLU A 77 -12.48 10.56 14.56
C GLU A 77 -13.27 9.27 14.64
N HIS A 78 -13.85 8.85 13.54
CA HIS A 78 -14.64 7.64 13.59
C HIS A 78 -13.80 6.44 14.03
N VAL A 79 -12.61 6.33 13.46
CA VAL A 79 -11.78 5.19 13.77
C VAL A 79 -11.43 5.13 15.23
N LYS A 80 -11.18 6.25 15.87
CA LYS A 80 -10.87 6.24 17.29
C LYS A 80 -12.06 5.76 18.14
N ALA A 81 -13.19 6.43 17.94
CA ALA A 81 -14.49 6.05 18.53
C ALA A 81 -14.77 4.57 18.44
N ASN A 82 -14.40 3.94 17.32
CA ASN A 82 -14.71 2.52 17.08
C ASN A 82 -13.46 1.65 16.95
N HIS A 83 -12.55 1.74 17.92
CA HIS A 83 -11.30 0.99 17.82
C HIS A 83 -10.64 0.70 19.17
N GLU A 84 -10.20 -0.53 19.30
CA GLU A 84 -9.71 -1.05 20.56
C GLU A 84 -8.47 -0.38 21.13
N TYR A 85 -7.48 -0.03 20.32
CA TYR A 85 -6.30 0.69 20.80
C TYR A 85 -6.59 2.15 21.08
N ASP A 86 -5.72 2.81 21.85
CA ASP A 86 -5.91 4.21 22.16
C ASP A 86 -5.42 5.06 21.03
N VAL A 87 -4.27 4.67 20.50
CA VAL A 87 -3.64 5.44 19.47
C VAL A 87 -3.56 4.54 18.23
N PRO A 88 -4.69 4.33 17.51
CA PRO A 88 -4.74 3.56 16.28
C PRO A 88 -3.92 4.14 15.16
N GLU A 89 -3.24 3.27 14.38
CA GLU A 89 -2.55 3.64 13.13
C GLU A 89 -3.63 4.18 12.22
N VAL A 90 -3.52 5.47 11.87
CA VAL A 90 -4.29 6.00 10.75
C VAL A 90 -3.39 6.99 10.05
N ILE A 91 -3.05 6.65 8.81
CA ILE A 91 -2.12 7.40 8.00
C ILE A 91 -2.60 7.46 6.57
N ALA A 92 -2.41 8.64 5.97
CA ALA A 92 -3.01 8.99 4.67
C ALA A 92 -1.95 9.10 3.58
N LEU A 93 -2.28 8.70 2.36
CA LEU A 93 -1.39 8.87 1.21
C LEU A 93 -2.14 9.52 0.04
N PRO A 94 -1.51 10.42 -0.70
CA PRO A 94 -2.25 11.19 -1.68
C PRO A 94 -2.35 10.43 -2.95
N ILE A 95 -3.49 10.50 -3.58
CA ILE A 95 -3.63 9.88 -4.87
C ILE A 95 -3.25 10.91 -5.95
N LYS A 96 -2.37 10.50 -6.88
CA LYS A 96 -2.09 11.28 -8.11
C LYS A 96 -2.83 10.61 -9.33
N GLY A 97 -4.15 10.75 -9.37
CA GLY A 97 -4.95 10.15 -10.43
C GLY A 97 -4.92 8.64 -10.69
N GLY A 98 -5.49 8.27 -11.82
CA GLY A 98 -5.90 6.91 -12.15
C GLY A 98 -7.29 6.99 -12.78
N ASN A 99 -7.83 5.81 -13.08
CA ASN A 99 -9.14 5.66 -13.71
C ASN A 99 -10.10 6.73 -13.22
N LEU A 100 -10.43 7.66 -14.12
CA LEU A 100 -11.15 8.88 -13.77
C LEU A 100 -12.56 8.59 -13.29
N LYS A 101 -13.15 7.55 -13.88
CA LYS A 101 -14.50 7.16 -13.53
C LYS A 101 -14.48 6.57 -12.12
N TYR A 102 -13.42 5.81 -11.76
CA TYR A 102 -13.22 5.39 -10.35
C TYR A 102 -13.21 6.60 -9.42
N LEU A 103 -12.40 7.57 -9.79
CA LEU A 103 -12.21 8.78 -8.98
C LEU A 103 -13.47 9.64 -8.78
N GLU A 104 -14.44 9.47 -9.66
CA GLU A 104 -15.69 10.26 -9.61
C GLU A 104 -16.71 9.55 -8.78
N TRP A 105 -16.77 8.24 -8.98
CA TRP A 105 -17.55 7.35 -8.16
C TRP A 105 -17.06 7.44 -6.76
N LEU A 106 -15.74 7.60 -6.59
CA LEU A 106 -15.16 7.92 -5.28
C LEU A 106 -15.74 9.23 -4.74
N LYS A 107 -15.57 10.33 -5.49
CA LYS A 107 -16.28 11.58 -5.17
C LYS A 107 -17.76 11.33 -4.84
N ASN A 108 -18.47 10.55 -5.67
CA ASN A 108 -19.95 10.57 -5.59
C ASN A 108 -20.42 9.83 -4.40
N SER A 109 -19.90 8.61 -4.26
CA SER A 109 -20.25 7.75 -3.13
C SER A 109 -19.72 8.24 -1.78
N THR A 110 -18.87 9.27 -1.77
CA THR A 110 -18.58 9.96 -0.52
C THR A 110 -19.31 11.31 -0.28
N ARG A 111 -19.42 11.62 1.00
CA ARG A 111 -19.73 12.94 1.48
C ARG A 111 -18.38 13.69 1.63
N THR B 6 19.13 8.68 -14.88
CA THR B 6 18.97 7.24 -14.48
C THR B 6 17.57 6.86 -13.97
N THR B 7 16.58 7.76 -13.99
CA THR B 7 15.46 7.58 -13.07
C THR B 7 14.17 8.43 -13.27
N VAL B 8 13.33 8.03 -14.22
CA VAL B 8 12.04 8.73 -14.41
C VAL B 8 11.04 8.61 -13.22
N PRO B 9 10.38 9.73 -12.80
CA PRO B 9 9.16 9.79 -11.97
C PRO B 9 8.20 8.62 -12.05
N SER B 10 8.14 7.93 -10.91
CA SER B 10 7.41 6.67 -10.85
C SER B 10 6.37 6.64 -9.75
N ILE B 11 5.59 5.57 -9.83
CA ILE B 11 4.39 5.42 -9.04
C ILE B 11 4.00 3.98 -8.79
N VAL B 12 3.23 3.82 -7.75
CA VAL B 12 2.58 2.57 -7.43
C VAL B 12 1.14 2.74 -7.83
N VAL B 13 0.58 1.64 -8.32
CA VAL B 13 -0.75 1.66 -8.84
C VAL B 13 -1.48 0.51 -8.20
N TYR B 14 -2.55 0.84 -7.52
CA TYR B 14 -3.38 -0.17 -6.93
C TYR B 14 -4.44 -0.53 -7.87
N VAL B 15 -4.71 -1.81 -8.00
CA VAL B 15 -5.81 -2.30 -8.86
C VAL B 15 -6.37 -3.62 -8.36
N THR B 16 -7.65 -3.71 -8.10
CA THR B 16 -8.22 -4.96 -7.69
C THR B 16 -8.83 -5.73 -8.83
N VAL B 17 -8.68 -7.05 -8.77
CA VAL B 17 -9.24 -7.97 -9.74
C VAL B 17 -10.13 -8.93 -8.95
N PRO B 18 -11.07 -9.57 -9.62
CA PRO B 18 -12.06 -10.32 -8.88
C PRO B 18 -11.65 -11.71 -8.46
N ASN B 19 -10.57 -12.24 -8.98
CA ASN B 19 -10.13 -13.59 -8.58
C ASN B 19 -8.69 -13.95 -8.89
N LYS B 20 -8.29 -15.11 -8.40
CA LYS B 20 -6.90 -15.57 -8.44
C LYS B 20 -6.40 -15.51 -9.88
N GLU B 21 -7.18 -16.12 -10.78
CA GLU B 21 -6.86 -16.19 -12.18
C GLU B 21 -6.82 -14.89 -12.91
N ALA B 22 -7.72 -13.95 -12.64
CA ALA B 22 -7.68 -12.66 -13.36
C ALA B 22 -6.38 -11.93 -13.06
N GLY B 23 -5.79 -12.23 -11.91
CA GLY B 23 -4.68 -11.47 -11.41
C GLY B 23 -3.44 -11.95 -12.05
N LYS B 24 -3.28 -13.27 -12.07
CA LYS B 24 -2.18 -13.97 -12.72
C LYS B 24 -2.09 -13.50 -14.16
N ARG B 25 -3.24 -13.57 -14.84
CA ARG B 25 -3.36 -13.20 -16.26
C ARG B 25 -3.14 -11.73 -16.52
N LEU B 26 -3.71 -10.86 -15.72
CA LEU B 26 -3.45 -9.44 -15.92
C LEU B 26 -2.03 -9.06 -15.51
N ALA B 27 -1.47 -9.69 -14.49
CA ALA B 27 -0.07 -9.41 -14.16
C ALA B 27 0.83 -9.81 -15.33
N GLY B 28 0.53 -10.96 -15.95
CA GLY B 28 1.31 -11.42 -17.10
C GLY B 28 1.25 -10.40 -18.23
N SER B 29 0.10 -10.35 -18.90
CA SER B 29 -0.22 -9.32 -19.90
C SER B 29 0.29 -7.91 -19.53
N ILE B 30 0.38 -7.54 -18.25
CA ILE B 30 0.97 -6.22 -17.89
C ILE B 30 2.46 -6.22 -18.12
N ILE B 31 3.11 -7.22 -17.56
CA ILE B 31 4.56 -7.26 -17.57
C ILE B 31 5.05 -7.62 -19.02
N SER B 32 4.32 -8.55 -19.68
CA SER B 32 4.48 -8.92 -21.10
C SER B 32 4.48 -7.73 -22.03
N GLU B 33 3.43 -6.92 -22.01
CA GLU B 33 3.44 -5.69 -22.77
C GLU B 33 4.23 -4.54 -22.09
N LYS B 34 5.37 -4.85 -21.46
CA LYS B 34 6.37 -3.81 -21.06
C LYS B 34 5.86 -2.55 -20.26
N LEU B 35 4.70 -2.71 -19.62
CA LEU B 35 3.89 -1.64 -18.95
C LEU B 35 4.12 -1.28 -17.45
N ALA B 36 4.68 -2.21 -16.69
CA ALA B 36 5.22 -1.84 -15.40
C ALA B 36 6.42 -2.69 -15.15
N ALA B 37 7.36 -2.23 -14.32
CA ALA B 37 8.55 -3.00 -14.00
C ALA B 37 8.29 -4.27 -13.25
N CYS B 38 7.10 -4.41 -12.69
CA CYS B 38 6.95 -5.33 -11.56
C CYS B 38 5.59 -5.27 -10.85
N VAL B 39 5.03 -6.43 -10.58
CA VAL B 39 3.66 -6.52 -10.09
C VAL B 39 3.53 -7.52 -8.96
N ASN B 40 3.10 -7.01 -7.80
CA ASN B 40 2.76 -7.80 -6.60
C ASN B 40 1.27 -8.04 -6.43
N ILE B 41 0.89 -9.30 -6.38
CA ILE B 41 -0.50 -9.75 -6.20
C ILE B 41 -0.68 -10.10 -4.74
N VAL B 42 -1.65 -9.49 -4.08
CA VAL B 42 -1.99 -9.81 -2.68
C VAL B 42 -3.31 -10.57 -2.66
N PRO B 43 -3.22 -11.85 -2.34
CA PRO B 43 -4.39 -12.73 -2.55
C PRO B 43 -5.45 -12.52 -1.51
N GLY B 44 -6.65 -12.99 -1.76
CA GLY B 44 -7.68 -13.05 -0.72
C GLY B 44 -7.88 -11.83 0.16
N ILE B 45 -8.04 -10.68 -0.44
CA ILE B 45 -8.40 -9.51 0.31
C ILE B 45 -9.87 -9.54 0.23
N GLU B 46 -10.57 -8.62 0.88
CA GLU B 46 -12.03 -8.58 0.94
C GLU B 46 -12.37 -7.15 0.77
N SER B 47 -13.25 -6.82 -0.15
CA SER B 47 -13.45 -5.41 -0.55
C SER B 47 -14.83 -5.02 -0.18
N VAL B 48 -14.96 -3.91 0.54
CA VAL B 48 -16.25 -3.52 1.08
C VAL B 48 -16.57 -2.13 0.60
N TYR B 49 -17.75 -1.96 0.01
CA TYR B 49 -18.17 -0.66 -0.52
C TYR B 49 -19.67 -0.58 -0.53
N TRP B 50 -20.19 0.62 -0.75
CA TRP B 50 -21.63 0.87 -0.88
C TRP B 50 -22.06 0.74 -2.33
N TRP B 51 -23.19 0.09 -2.59
CA TRP B 51 -23.57 -0.16 -3.97
C TRP B 51 -25.03 -0.65 -4.06
N GLU B 52 -25.83 0.03 -4.88
CA GLU B 52 -27.29 -0.19 -4.92
C GLU B 52 -27.88 -0.20 -3.52
N GLY B 53 -27.62 0.84 -2.76
CA GLY B 53 -28.33 1.03 -1.49
C GLY B 53 -28.06 0.02 -0.40
N LYS B 54 -26.86 -0.59 -0.45
CA LYS B 54 -26.49 -1.58 0.54
C LYS B 54 -24.97 -1.71 0.71
N VAL B 55 -24.53 -2.38 1.75
CA VAL B 55 -23.12 -2.54 1.98
C VAL B 55 -22.75 -3.81 1.24
N GLN B 56 -22.03 -3.69 0.15
CA GLN B 56 -21.56 -4.83 -0.59
C GLN B 56 -20.23 -5.25 -0.07
N THR B 57 -19.99 -6.55 -0.10
CA THR B 57 -18.68 -7.15 0.20
C THR B 57 -18.32 -8.17 -0.84
N ASP B 58 -17.25 -8.00 -1.58
CA ASP B 58 -16.80 -9.17 -2.34
C ASP B 58 -15.32 -9.51 -2.28
N ALA B 59 -15.02 -10.78 -2.49
CA ALA B 59 -13.66 -11.31 -2.38
C ALA B 59 -12.96 -10.99 -3.65
N GLU B 60 -11.68 -10.65 -3.54
CA GLU B 60 -10.96 -10.04 -4.63
C GLU B 60 -9.44 -10.24 -4.43
N GLU B 61 -8.65 -9.63 -5.30
CA GLU B 61 -7.22 -9.58 -5.12
C GLU B 61 -6.68 -8.22 -5.43
N LEU B 62 -5.48 -7.93 -5.01
CA LEU B 62 -5.01 -6.61 -5.15
C LEU B 62 -3.72 -6.67 -5.93
N LEU B 63 -3.65 -5.94 -7.05
CA LEU B 63 -2.40 -5.75 -7.74
C LEU B 63 -1.75 -4.48 -7.36
N ILE B 64 -0.53 -4.60 -6.89
CA ILE B 64 0.30 -3.43 -6.60
C ILE B 64 1.29 -3.35 -7.75
N ILE B 65 1.25 -2.25 -8.48
CA ILE B 65 1.93 -2.20 -9.75
C ILE B 65 2.93 -1.08 -9.73
N LYS B 66 4.17 -1.47 -9.87
CA LYS B 66 5.24 -0.51 -9.84
C LYS B 66 5.70 -0.16 -11.29
N THR B 67 5.50 1.12 -11.68
CA THR B 67 5.71 1.65 -13.03
C THR B 67 6.04 3.15 -12.98
N ARG B 68 6.16 3.81 -14.16
CA ARG B 68 6.59 5.26 -14.26
C ARG B 68 5.33 6.12 -14.33
N GLU B 69 5.32 7.42 -13.97
CA GLU B 69 4.01 8.10 -14.14
C GLU B 69 3.55 8.02 -15.58
N SER B 70 4.42 8.51 -16.45
CA SER B 70 4.45 8.23 -17.87
C SER B 70 3.47 7.12 -18.33
N LEU B 71 3.59 5.88 -17.84
CA LEU B 71 2.67 4.79 -18.33
C LEU B 71 1.25 4.70 -17.72
N LEU B 72 0.91 5.63 -16.83
CA LEU B 72 -0.29 5.51 -16.04
C LEU B 72 -1.50 5.27 -16.94
N ASP B 73 -1.66 6.18 -17.91
CA ASP B 73 -2.80 6.13 -18.84
C ASP B 73 -2.73 4.87 -19.71
N ALA B 74 -1.55 4.59 -20.30
CA ALA B 74 -1.38 3.38 -21.12
C ALA B 74 -1.88 2.17 -20.32
N LEU B 75 -1.35 2.14 -19.10
CA LEU B 75 -1.63 1.10 -18.11
C LEU B 75 -3.11 1.02 -17.79
N THR B 76 -3.68 2.17 -17.39
CA THR B 76 -5.09 2.22 -17.07
C THR B 76 -5.93 1.61 -18.19
N GLU B 77 -5.58 2.12 -19.39
CA GLU B 77 -6.28 1.80 -20.62
C GLU B 77 -6.04 0.33 -20.97
N HIS B 78 -4.83 -0.18 -20.68
CA HIS B 78 -4.52 -1.62 -20.82
C HIS B 78 -5.36 -2.50 -19.89
N VAL B 79 -5.51 -2.03 -18.65
CA VAL B 79 -6.28 -2.77 -17.65
C VAL B 79 -7.73 -2.83 -18.04
N LYS B 80 -8.31 -1.68 -18.39
CA LYS B 80 -9.72 -1.61 -18.84
C LYS B 80 -9.99 -2.60 -20.02
N ALA B 81 -8.98 -2.78 -20.86
CA ALA B 81 -9.05 -3.73 -21.97
C ALA B 81 -9.23 -5.17 -21.46
N ASN B 82 -8.34 -5.58 -20.53
CA ASN B 82 -8.30 -6.97 -20.03
C ASN B 82 -8.87 -7.11 -18.64
N HIS B 83 -9.87 -6.30 -18.27
CA HIS B 83 -10.40 -6.28 -16.89
C HIS B 83 -11.92 -6.42 -16.90
N GLU B 84 -12.42 -7.37 -16.14
CA GLU B 84 -13.77 -7.77 -16.36
C GLU B 84 -14.79 -6.74 -15.79
N TYR B 85 -14.37 -5.88 -14.84
CA TYR B 85 -15.20 -4.71 -14.37
C TYR B 85 -15.13 -3.56 -15.40
N ASP B 86 -16.20 -2.78 -15.53
CA ASP B 86 -16.21 -1.68 -16.50
C ASP B 86 -15.83 -0.35 -15.87
N VAL B 87 -15.43 -0.36 -14.61
CA VAL B 87 -14.82 0.82 -14.00
C VAL B 87 -13.71 0.38 -13.01
N PRO B 88 -12.65 -0.26 -13.50
CA PRO B 88 -11.69 -0.73 -12.51
C PRO B 88 -11.08 0.35 -11.57
N GLU B 89 -10.85 -0.04 -10.32
CA GLU B 89 -10.10 0.77 -9.37
C GLU B 89 -8.72 0.75 -9.91
N VAL B 90 -8.30 1.89 -10.39
CA VAL B 90 -6.89 2.05 -10.60
C VAL B 90 -6.62 3.38 -10.04
N ILE B 91 -5.82 3.40 -8.98
CA ILE B 91 -5.41 4.61 -8.34
C ILE B 91 -3.90 4.57 -8.21
N ALA B 92 -3.30 5.73 -8.06
CA ALA B 92 -1.87 5.76 -8.08
C ALA B 92 -1.36 6.64 -7.00
N LEU B 93 -0.26 6.23 -6.39
CA LEU B 93 0.35 7.03 -5.34
C LEU B 93 1.76 7.35 -5.79
N PRO B 94 2.24 8.55 -5.48
CA PRO B 94 3.52 8.99 -5.99
C PRO B 94 4.72 8.37 -5.27
N ILE B 95 5.58 7.62 -5.97
CA ILE B 95 6.87 7.16 -5.39
C ILE B 95 7.80 8.36 -5.26
N LYS B 96 8.55 8.42 -4.21
CA LYS B 96 9.22 9.63 -3.85
C LYS B 96 10.42 9.24 -3.05
N GLY B 97 11.30 8.42 -3.59
CA GLY B 97 12.42 7.95 -2.82
C GLY B 97 12.61 6.45 -2.95
N GLY B 98 13.85 6.00 -2.66
CA GLY B 98 14.19 4.57 -2.60
C GLY B 98 15.61 4.09 -2.96
N ASN B 99 15.72 2.79 -3.25
CA ASN B 99 16.89 2.12 -3.83
C ASN B 99 17.02 2.74 -5.20
N LEU B 100 17.87 3.77 -5.24
CA LEU B 100 18.24 4.43 -6.46
C LEU B 100 18.44 3.34 -7.54
N LYS B 101 19.23 2.32 -7.24
CA LYS B 101 19.29 1.15 -8.10
C LYS B 101 17.93 0.60 -8.57
N TYR B 102 17.00 0.28 -7.65
CA TYR B 102 15.67 -0.33 -8.05
C TYR B 102 14.92 0.59 -9.04
N LEU B 103 14.93 1.88 -8.72
CA LEU B 103 14.26 2.87 -9.54
C LEU B 103 14.82 2.90 -10.99
N GLU B 104 16.13 2.66 -11.09
CA GLU B 104 16.82 2.53 -12.37
C GLU B 104 16.32 1.29 -13.10
N TRP B 105 16.40 0.14 -12.43
CA TRP B 105 15.81 -1.08 -12.94
C TRP B 105 14.34 -0.90 -13.30
N LEU B 106 13.66 -0.06 -12.57
CA LEU B 106 12.23 0.13 -12.80
C LEU B 106 12.06 0.80 -14.16
N LYS B 107 12.55 2.03 -14.22
CA LYS B 107 12.91 2.80 -15.45
C LYS B 107 13.31 1.94 -16.64
N ASN B 108 14.44 1.24 -16.48
CA ASN B 108 15.03 0.39 -17.50
C ASN B 108 14.28 -0.88 -17.87
N SER B 109 13.02 -1.04 -17.43
CA SER B 109 12.21 -2.26 -17.64
C SER B 109 10.91 -1.94 -18.32
N THR B 110 10.65 -0.66 -18.53
CA THR B 110 9.37 -0.15 -19.03
C THR B 110 9.55 0.71 -20.34
N ARG B 111 8.47 0.99 -21.06
CA ARG B 111 8.44 1.96 -22.19
C ARG B 111 8.55 3.48 -21.78
N GLU B 112 8.44 4.40 -22.76
CA GLU B 112 8.22 5.89 -22.53
C GLU B 112 6.70 6.24 -22.55
N SER B 113 6.07 5.94 -23.71
CA SER B 113 4.61 6.02 -23.97
C SER B 113 4.07 4.58 -23.97
N SER C 5 7.30 21.25 15.49
CA SER C 5 6.10 20.70 16.19
C SER C 5 6.39 19.23 16.67
N THR C 6 5.39 18.32 16.54
CA THR C 6 5.51 17.03 17.22
C THR C 6 6.11 15.85 16.44
N THR C 7 6.43 15.89 15.12
CA THR C 7 5.58 15.59 13.91
C THR C 7 6.38 15.82 12.62
N VAL C 8 7.51 15.13 12.55
CA VAL C 8 8.34 15.19 11.36
C VAL C 8 7.65 14.57 10.15
N PRO C 9 7.92 15.08 8.93
CA PRO C 9 7.54 14.34 7.69
C PRO C 9 7.89 12.82 7.66
N SER C 10 6.90 12.05 7.21
CA SER C 10 6.96 10.60 7.25
C SER C 10 6.74 9.94 5.90
N ILE C 11 7.00 8.64 5.86
CA ILE C 11 6.77 7.88 4.66
C ILE C 11 6.32 6.49 4.98
N VAL C 12 5.85 5.79 3.96
CA VAL C 12 5.52 4.39 4.05
C VAL C 12 6.42 3.69 3.07
N VAL C 13 7.22 2.73 3.48
CA VAL C 13 8.18 2.19 2.56
C VAL C 13 7.85 0.76 2.23
N TYR C 14 7.71 0.41 0.98
CA TYR C 14 7.42 -0.98 0.64
C TYR C 14 8.78 -1.62 0.43
N VAL C 15 8.92 -2.88 0.87
CA VAL C 15 10.12 -3.69 0.65
C VAL C 15 9.65 -5.08 0.54
N THR C 16 10.14 -5.83 -0.43
CA THR C 16 9.65 -7.20 -0.58
C THR C 16 10.81 -8.15 -0.23
N VAL C 17 10.48 -9.37 0.17
CA VAL C 17 11.51 -10.31 0.56
C VAL C 17 11.11 -11.70 0.11
N PRO C 18 12.05 -12.62 -0.03
CA PRO C 18 11.74 -13.89 -0.63
C PRO C 18 10.95 -14.82 0.25
N ASN C 19 11.09 -14.72 1.55
CA ASN C 19 10.43 -15.73 2.39
C ASN C 19 9.94 -15.18 3.75
N LYS C 20 9.22 -16.01 4.48
CA LYS C 20 8.70 -15.66 5.77
C LYS C 20 9.79 -15.31 6.78
N GLU C 21 10.82 -16.14 6.91
CA GLU C 21 11.83 -15.90 7.94
C GLU C 21 12.46 -14.59 7.67
N ALA C 22 12.79 -14.35 6.40
CA ALA C 22 13.53 -13.13 5.99
C ALA C 22 12.78 -11.89 6.42
N GLY C 23 11.49 -11.87 6.07
CA GLY C 23 10.57 -10.84 6.46
C GLY C 23 10.60 -10.60 7.95
N LYS C 24 10.51 -11.68 8.74
CA LYS C 24 10.41 -11.45 10.19
C LYS C 24 11.72 -10.93 10.73
N ARG C 25 12.85 -11.37 10.16
CA ARG C 25 14.14 -10.92 10.63
C ARG C 25 14.39 -9.49 10.20
N LEU C 26 14.06 -9.14 8.97
CA LEU C 26 14.25 -7.76 8.54
C LEU C 26 13.42 -6.77 9.37
N ALA C 27 12.17 -7.15 9.64
CA ALA C 27 11.30 -6.30 10.46
C ALA C 27 11.99 -6.09 11.85
N GLY C 28 12.66 -7.12 12.36
CA GLY C 28 13.33 -7.03 13.67
C GLY C 28 14.51 -6.08 13.71
N SER C 29 15.39 -6.21 12.75
CA SER C 29 16.52 -5.31 12.65
C SER C 29 16.05 -3.88 12.37
N ILE C 30 15.08 -3.70 11.47
CA ILE C 30 14.57 -2.35 11.22
C ILE C 30 14.08 -1.61 12.49
N ILE C 31 13.23 -2.30 13.22
CA ILE C 31 12.64 -1.82 14.45
C ILE C 31 13.63 -1.69 15.63
N SER C 32 14.52 -2.69 15.75
CA SER C 32 15.55 -2.70 16.81
C SER C 32 16.51 -1.60 16.53
N GLU C 33 17.02 -1.52 15.32
CA GLU C 33 17.95 -0.44 14.99
C GLU C 33 17.22 0.90 15.01
N LYS C 34 15.95 0.93 15.33
CA LYS C 34 15.21 2.20 15.47
C LYS C 34 15.09 3.00 14.17
N LEU C 35 15.20 2.31 13.02
CA LEU C 35 14.99 2.91 11.69
C LEU C 35 13.53 3.04 11.21
N ALA C 36 12.59 2.44 11.92
CA ALA C 36 11.17 2.63 11.61
C ALA C 36 10.39 2.46 12.87
N ALA C 37 9.24 3.13 12.97
CA ALA C 37 8.36 2.93 14.09
C ALA C 37 7.64 1.57 14.07
N CYS C 38 7.54 0.95 12.92
CA CYS C 38 6.47 0.05 12.76
C CYS C 38 6.43 -0.64 11.41
N VAL C 39 6.29 -1.95 11.42
CA VAL C 39 6.39 -2.73 10.22
C VAL C 39 5.27 -3.76 10.10
N ASN C 40 4.48 -3.66 9.02
CA ASN C 40 3.42 -4.62 8.70
C ASN C 40 3.95 -5.57 7.67
N ILE C 41 3.75 -6.86 7.84
CA ILE C 41 4.27 -7.89 6.92
C ILE C 41 3.07 -8.53 6.28
N VAL C 42 3.03 -8.59 4.95
CA VAL C 42 1.88 -9.12 4.26
C VAL C 42 2.38 -10.40 3.64
N PRO C 43 1.98 -11.55 4.18
CA PRO C 43 2.56 -12.84 3.77
C PRO C 43 2.02 -13.26 2.42
N GLY C 44 2.47 -14.35 1.81
CA GLY C 44 1.83 -14.91 0.59
C GLY C 44 1.53 -14.04 -0.62
N ILE C 45 2.32 -13.00 -0.83
CA ILE C 45 2.36 -12.25 -2.08
C ILE C 45 2.87 -13.19 -3.17
N GLU C 46 2.45 -13.00 -4.41
CA GLU C 46 3.10 -13.59 -5.60
C GLU C 46 3.60 -12.36 -6.41
N SER C 47 4.84 -12.41 -6.91
CA SER C 47 5.44 -11.26 -7.64
C SER C 47 5.71 -11.60 -9.07
N VAL C 48 5.43 -10.65 -9.96
CA VAL C 48 5.60 -10.86 -11.41
C VAL C 48 6.45 -9.77 -12.04
N TYR C 49 7.47 -10.21 -12.74
CA TYR C 49 8.38 -9.32 -13.42
C TYR C 49 8.94 -10.06 -14.60
N TRP C 50 9.53 -9.24 -15.49
CA TRP C 50 10.21 -9.72 -16.69
C TRP C 50 11.68 -9.83 -16.31
N TRP C 51 12.19 -11.07 -16.31
CA TRP C 51 13.65 -11.27 -16.29
C TRP C 51 14.11 -12.48 -17.08
N GLU C 52 15.26 -12.25 -17.74
CA GLU C 52 15.93 -13.13 -18.67
C GLU C 52 14.99 -13.62 -19.70
N GLY C 53 14.23 -12.69 -20.23
CA GLY C 53 13.53 -12.89 -21.49
C GLY C 53 12.26 -13.66 -21.38
N LYS C 54 11.99 -14.23 -20.21
CA LYS C 54 10.62 -14.69 -19.93
C LYS C 54 9.88 -13.76 -18.92
N VAL C 55 8.69 -14.18 -18.49
CA VAL C 55 8.01 -13.59 -17.35
C VAL C 55 8.28 -14.49 -16.17
N GLN C 56 8.85 -13.89 -15.12
CA GLN C 56 9.16 -14.57 -13.87
C GLN C 56 8.06 -14.36 -12.87
N THR C 57 7.86 -15.33 -11.97
CA THR C 57 6.89 -15.18 -10.87
C THR C 57 7.40 -15.83 -9.60
N ASP C 58 7.43 -15.09 -8.49
CA ASP C 58 8.04 -15.54 -7.27
C ASP C 58 7.18 -15.30 -6.08
N ALA C 59 7.16 -16.26 -5.16
CA ALA C 59 6.59 -16.10 -3.83
C ALA C 59 7.38 -15.13 -2.93
N GLU C 60 6.74 -14.07 -2.47
CA GLU C 60 7.40 -13.08 -1.65
C GLU C 60 6.51 -12.54 -0.53
N GLU C 61 7.06 -11.67 0.30
CA GLU C 61 6.29 -11.03 1.37
C GLU C 61 6.56 -9.58 1.31
N LEU C 62 5.60 -8.76 1.70
CA LEU C 62 5.70 -7.34 1.50
C LEU C 62 5.93 -6.77 2.86
N LEU C 63 6.84 -5.85 3.05
CA LEU C 63 6.91 -5.16 4.32
C LEU C 63 6.46 -3.76 4.11
N ILE C 64 5.60 -3.26 4.98
CA ILE C 64 5.09 -1.94 4.90
C ILE C 64 5.65 -1.25 6.13
N ILE C 65 6.47 -0.22 5.89
CA ILE C 65 7.34 0.31 6.95
C ILE C 65 6.99 1.75 7.21
N LYS C 66 6.36 2.04 8.30
CA LYS C 66 6.05 3.42 8.58
C LYS C 66 7.30 4.01 9.23
N THR C 67 7.81 5.11 8.68
CA THR C 67 8.99 5.80 9.23
C THR C 67 9.12 7.22 8.71
N ARG C 68 10.18 7.86 9.17
CA ARG C 68 10.58 9.20 8.73
C ARG C 68 11.23 9.22 7.38
N GLU C 69 11.03 10.34 6.70
CA GLU C 69 11.64 10.64 5.40
C GLU C 69 13.13 10.76 5.58
N SER C 70 13.54 11.47 6.64
CA SER C 70 14.90 11.50 7.19
C SER C 70 15.60 10.14 7.02
N LEU C 71 15.00 9.09 7.57
CA LEU C 71 15.68 7.81 7.65
C LEU C 71 15.61 7.04 6.36
N LEU C 72 14.98 7.55 5.31
CA LEU C 72 14.90 6.76 4.07
C LEU C 72 16.27 6.26 3.58
N ASP C 73 17.29 7.06 3.84
CA ASP C 73 18.64 6.70 3.45
C ASP C 73 19.18 5.59 4.36
N ALA C 74 19.16 5.85 5.67
CA ALA C 74 19.60 4.86 6.63
C ALA C 74 18.83 3.52 6.43
N LEU C 75 17.53 3.62 6.12
CA LEU C 75 16.70 2.42 5.90
C LEU C 75 17.15 1.65 4.65
N THR C 76 17.33 2.40 3.56
CA THR C 76 17.58 1.81 2.26
C THR C 76 18.91 1.12 2.31
N GLU C 77 19.86 1.79 2.96
CA GLU C 77 21.17 1.20 3.26
C GLU C 77 20.91 -0.14 3.93
N HIS C 78 20.25 -0.05 5.09
CA HIS C 78 19.98 -1.19 5.90
C HIS C 78 19.29 -2.36 5.15
N VAL C 79 18.29 -2.08 4.34
CA VAL C 79 17.69 -3.18 3.59
C VAL C 79 18.73 -3.91 2.74
N LYS C 80 19.59 -3.17 2.03
CA LYS C 80 20.60 -3.74 1.09
C LYS C 80 21.63 -4.61 1.81
N ALA C 81 22.26 -4.02 2.83
CA ALA C 81 23.08 -4.71 3.79
C ALA C 81 22.46 -6.04 4.22
N ASN C 82 21.22 -6.01 4.69
CA ASN C 82 20.53 -7.23 5.05
C ASN C 82 19.54 -7.85 4.04
N HIS C 83 19.90 -8.20 2.81
CA HIS C 83 18.87 -8.70 1.86
C HIS C 83 19.39 -9.69 0.81
N GLU C 84 18.75 -10.83 0.72
CA GLU C 84 19.21 -11.90 -0.18
C GLU C 84 19.43 -11.37 -1.61
N TYR C 85 18.52 -10.58 -2.15
CA TYR C 85 18.68 -10.00 -3.48
C TYR C 85 19.79 -8.92 -3.56
N ASP C 86 20.30 -8.75 -4.79
CA ASP C 86 21.27 -7.68 -5.13
C ASP C 86 20.63 -6.32 -5.27
N VAL C 87 19.49 -6.25 -5.98
CA VAL C 87 18.70 -5.00 -6.15
C VAL C 87 17.37 -5.11 -5.40
N PRO C 88 17.38 -4.93 -4.10
CA PRO C 88 16.15 -5.10 -3.35
C PRO C 88 15.26 -3.89 -3.49
N GLU C 89 13.97 -4.16 -3.77
CA GLU C 89 12.95 -3.16 -3.93
C GLU C 89 12.75 -2.37 -2.68
N VAL C 90 12.85 -1.07 -2.74
CA VAL C 90 12.41 -0.25 -1.64
C VAL C 90 11.96 1.08 -2.14
N ILE C 91 10.70 1.41 -1.93
CA ILE C 91 10.15 2.61 -2.52
C ILE C 91 9.38 3.31 -1.43
N ALA C 92 9.46 4.63 -1.33
CA ALA C 92 8.81 5.32 -0.24
C ALA C 92 7.63 6.08 -0.80
N LEU C 93 6.55 6.20 -0.04
CA LEU C 93 5.38 6.97 -0.46
C LEU C 93 5.05 7.95 0.69
N PRO C 94 4.65 9.18 0.36
CA PRO C 94 4.58 10.16 1.44
C PRO C 94 3.26 10.15 2.29
N ILE C 95 3.39 10.38 3.58
CA ILE C 95 2.25 10.29 4.42
C ILE C 95 1.86 11.72 4.54
N LYS C 96 0.65 12.04 4.08
CA LYS C 96 0.13 13.41 4.15
C LYS C 96 -1.06 13.51 5.10
N GLY C 97 -0.83 13.68 6.38
CA GLY C 97 -1.93 13.65 7.35
C GLY C 97 -2.16 12.27 7.97
N GLY C 98 -3.04 12.21 8.99
CA GLY C 98 -3.37 10.96 9.72
C GLY C 98 -3.87 11.20 11.14
N ASN C 99 -3.82 10.20 12.01
CA ASN C 99 -4.09 10.34 13.42
C ASN C 99 -2.90 10.94 14.11
N LEU C 100 -3.04 12.23 14.43
CA LEU C 100 -2.01 13.02 15.08
C LEU C 100 -1.21 12.31 16.13
N LYS C 101 -1.89 11.80 17.16
CA LYS C 101 -1.21 11.08 18.25
C LYS C 101 -0.30 9.91 17.76
N TYR C 102 -0.70 9.24 16.68
CA TYR C 102 0.09 8.13 16.12
C TYR C 102 1.33 8.62 15.42
N LEU C 103 1.21 9.75 14.75
CA LEU C 103 2.32 10.35 14.02
C LEU C 103 3.34 10.90 15.02
N GLU C 104 2.91 11.27 16.20
CA GLU C 104 3.86 11.71 17.21
C GLU C 104 4.63 10.48 17.70
N TRP C 105 3.86 9.47 18.09
CA TRP C 105 4.42 8.20 18.48
C TRP C 105 5.39 7.81 17.38
N LEU C 106 5.01 7.96 16.11
CA LEU C 106 5.92 7.56 15.05
C LEU C 106 7.24 8.34 15.21
N LYS C 107 7.14 9.63 15.49
CA LYS C 107 8.35 10.45 15.71
C LYS C 107 9.15 9.91 16.88
N ASN C 108 8.53 9.76 18.05
CA ASN C 108 9.29 9.33 19.22
C ASN C 108 9.94 7.96 19.04
N SER C 109 9.33 7.11 18.22
CA SER C 109 9.84 5.78 18.02
C SER C 109 11.11 5.82 17.26
N THR C 110 11.30 6.88 16.47
CA THR C 110 12.32 6.90 15.42
C THR C 110 13.60 7.61 15.81
N ARG C 111 14.70 7.04 15.28
CA ARG C 111 16.05 7.62 15.34
C ARG C 111 16.07 9.00 14.70
N GLU C 112 16.97 9.79 15.29
CA GLU C 112 17.04 11.22 15.16
C GLU C 112 17.62 11.62 13.77
N SER C 113 18.28 10.67 13.07
CA SER C 113 18.52 10.69 11.58
C SER C 113 19.97 10.96 11.13
#